data_6FR0
#
_entry.id   6FR0
#
_cell.length_a   51.309
_cell.length_b   43.884
_cell.length_c   51.425
_cell.angle_alpha   90.00
_cell.angle_beta   99.21
_cell.angle_gamma   90.00
#
_symmetry.space_group_name_H-M   'P 1 21 1'
#
loop_
_entity.id
_entity.type
_entity.pdbx_description
1 polymer 'CREB-binding protein'
2 non-polymer ~{N}-[3-(5-ethanoyl-2-ethoxy-phenyl)-5-(2-ethyl-5-methyl-3-oxidanylidene-1,2-oxazol-4-yl)phenyl]furan-2-carboxamide
3 water water
#
_entity_poly.entity_id   1
_entity_poly.type   'polypeptide(L)'
_entity_poly.pdbx_seq_one_letter_code
;SMRKKIFKPEELRQALMPTLEALYRQDPESLPFRQPVDPQLLGIPDYFDIVKNPMDLSTIKRKLDTGQYQEPWQYVDDVW
LMFNNAWLYNRKTSRVYKFCSKLAEVFEQEIDPVMQSLG
;
_entity_poly.pdbx_strand_id   A,B
#
loop_
_chem_comp.id
_chem_comp.type
_chem_comp.name
_chem_comp.formula
E3H non-polymer ~{N}-[3-(5-ethanoyl-2-ethoxy-phenyl)-5-(2-ethyl-5-methyl-3-oxidanylidene-1,2-oxazol-4-yl)phenyl]furan-2-carboxamide 'C27 H26 N2 O6'
#
# COMPACT_ATOMS: atom_id res chain seq x y z
N ILE A 6 15.83 -24.92 -6.11
CA ILE A 6 14.40 -24.66 -5.98
C ILE A 6 14.07 -24.14 -4.58
N PHE A 7 13.13 -23.20 -4.50
CA PHE A 7 12.79 -22.53 -3.25
C PHE A 7 11.29 -22.62 -3.01
N LYS A 8 10.90 -23.00 -1.78
CA LYS A 8 9.50 -22.92 -1.41
C LYS A 8 9.11 -21.48 -1.08
N PRO A 9 7.87 -21.08 -1.40
CA PRO A 9 7.48 -19.69 -1.15
C PRO A 9 7.59 -19.28 0.31
N GLU A 10 7.28 -20.18 1.25
CA GLU A 10 7.37 -19.83 2.66
C GLU A 10 8.81 -19.62 3.10
N GLU A 11 9.74 -20.39 2.51
CA GLU A 11 11.15 -20.20 2.80
C GLU A 11 11.62 -18.83 2.32
N LEU A 12 11.20 -18.44 1.12
CA LEU A 12 11.58 -17.13 0.61
C LEU A 12 10.99 -16.02 1.46
N ARG A 13 9.72 -16.18 1.85
CA ARG A 13 9.08 -15.14 2.63
C ARG A 13 9.76 -14.97 3.98
N GLN A 14 10.06 -16.09 4.65
CA GLN A 14 10.68 -16.02 5.97
C GLN A 14 12.05 -15.35 5.90
N ALA A 15 12.80 -15.63 4.84
CA ALA A 15 14.18 -15.12 4.74
C ALA A 15 14.23 -13.67 4.28
N LEU A 16 13.39 -13.30 3.30
CA LEU A 16 13.52 -12.01 2.63
C LEU A 16 12.65 -10.91 3.25
N MET A 17 11.54 -11.25 3.90
CA MET A 17 10.67 -10.21 4.45
C MET A 17 11.39 -9.29 5.43
N PRO A 18 12.34 -9.75 6.27
CA PRO A 18 13.06 -8.78 7.13
C PRO A 18 13.81 -7.72 6.35
N THR A 19 14.32 -8.04 5.16
CA THR A 19 14.99 -7.02 4.37
C THR A 19 14.00 -5.99 3.84
N LEU A 20 12.80 -6.42 3.49
CA LEU A 20 11.78 -5.47 3.06
C LEU A 20 11.31 -4.62 4.22
N GLU A 21 11.15 -5.23 5.40
CA GLU A 21 10.73 -4.50 6.58
C GLU A 21 11.74 -3.44 6.96
N ALA A 22 13.03 -3.71 6.75
CA ALA A 22 14.06 -2.69 6.99
C ALA A 22 13.82 -1.46 6.12
N LEU A 23 13.29 -1.63 4.91
CA LEU A 23 13.01 -0.45 4.08
C LEU A 23 11.78 0.29 4.58
N TYR A 24 10.71 -0.45 4.91
CA TYR A 24 9.50 0.17 5.44
C TYR A 24 9.78 0.95 6.71
N ARG A 25 10.75 0.51 7.52
CA ARG A 25 11.04 1.16 8.80
C ARG A 25 11.64 2.55 8.62
N GLN A 26 12.19 2.85 7.45
CA GLN A 26 12.79 4.17 7.24
C GLN A 26 11.70 5.20 7.10
N ASP A 27 11.63 6.12 8.07
CA ASP A 27 10.70 7.24 8.03
C ASP A 27 11.51 8.53 8.14
N PRO A 28 11.35 9.47 7.20
CA PRO A 28 10.35 9.55 6.12
C PRO A 28 10.74 8.90 4.79
N GLU A 29 11.92 8.28 4.75
CA GLU A 29 12.52 7.97 3.45
C GLU A 29 11.73 6.92 2.66
N SER A 30 10.95 6.08 3.33
CA SER A 30 10.19 5.09 2.59
C SER A 30 8.84 5.62 2.10
N LEU A 31 8.42 6.80 2.54
CA LEU A 31 7.07 7.27 2.20
C LEU A 31 6.82 7.43 0.69
N PRO A 32 7.78 7.86 -0.14
CA PRO A 32 7.49 7.91 -1.58
C PRO A 32 7.33 6.56 -2.23
N PHE A 33 7.63 5.46 -1.53
CA PHE A 33 7.77 4.15 -2.15
C PHE A 33 6.79 3.13 -1.61
N ARG A 34 5.93 3.49 -0.67
CA ARG A 34 5.07 2.51 -0.02
C ARG A 34 3.90 2.07 -0.88
N GLN A 35 3.43 2.91 -1.78
CA GLN A 35 2.31 2.64 -2.68
C GLN A 35 2.73 2.94 -4.11
N PRO A 36 2.01 2.40 -5.10
CA PRO A 36 2.39 2.70 -6.49
C PRO A 36 2.21 4.18 -6.79
N VAL A 37 3.08 4.68 -7.66
CA VAL A 37 2.98 6.06 -8.13
C VAL A 37 1.72 6.22 -8.96
N ASP A 38 0.85 7.16 -8.53
CA ASP A 38 -0.29 7.60 -9.32
C ASP A 38 0.02 9.02 -9.81
N PRO A 39 0.39 9.19 -11.08
CA PRO A 39 0.82 10.53 -11.54
C PRO A 39 -0.26 11.59 -11.40
N GLN A 40 -1.54 11.21 -11.46
CA GLN A 40 -2.61 12.19 -11.30
C GLN A 40 -2.69 12.72 -9.87
N LEU A 41 -2.67 11.81 -8.89
CA LEU A 41 -2.71 12.20 -7.49
C LEU A 41 -1.49 13.02 -7.09
N LEU A 42 -0.31 12.67 -7.62
CA LEU A 42 0.92 13.32 -7.24
C LEU A 42 1.19 14.60 -8.01
N GLY A 43 0.50 14.82 -9.11
CA GLY A 43 0.75 16.00 -9.92
C GLY A 43 2.03 15.94 -10.72
N ILE A 44 2.37 14.75 -11.23
CA ILE A 44 3.53 14.51 -12.08
C ILE A 44 3.09 13.70 -13.30
N PRO A 45 2.22 14.24 -14.16
CA PRO A 45 1.55 13.40 -15.18
C PRO A 45 2.48 12.82 -16.24
N ASP A 46 3.76 13.16 -16.23
CA ASP A 46 4.75 12.76 -17.21
C ASP A 46 5.47 11.46 -16.85
N TYR A 47 5.05 10.82 -15.77
CA TYR A 47 5.85 9.78 -15.14
C TYR A 47 6.01 8.55 -16.03
N PHE A 48 4.92 8.06 -16.62
CA PHE A 48 4.96 6.81 -17.38
C PHE A 48 5.65 6.95 -18.73
N ASP A 49 5.86 8.18 -19.22
CA ASP A 49 6.69 8.35 -20.39
C ASP A 49 8.15 8.03 -20.08
N ILE A 50 8.58 8.20 -18.83
CA ILE A 50 9.95 7.96 -18.44
C ILE A 50 10.12 6.61 -17.75
N VAL A 51 9.16 6.23 -16.91
CA VAL A 51 9.22 4.98 -16.13
C VAL A 51 8.25 4.00 -16.77
N LYS A 52 8.79 3.05 -17.53
CA LYS A 52 7.99 2.10 -18.29
C LYS A 52 7.72 0.79 -17.54
N ASN A 53 8.45 0.51 -16.47
CA ASN A 53 8.28 -0.69 -15.66
C ASN A 53 8.20 -0.28 -14.20
N PRO A 54 7.05 0.25 -13.76
CA PRO A 54 6.94 0.74 -12.38
C PRO A 54 7.04 -0.37 -11.34
N MET A 55 7.49 0.00 -10.15
CA MET A 55 7.60 -0.93 -9.03
C MET A 55 7.55 -0.15 -7.72
N ASP A 56 6.97 -0.75 -6.69
CA ASP A 56 6.87 -0.10 -5.37
C ASP A 56 6.87 -1.16 -4.28
N LEU A 57 7.00 -0.72 -3.02
CA LEU A 57 7.11 -1.65 -1.89
C LEU A 57 5.84 -2.50 -1.70
N SER A 58 4.65 -1.93 -1.93
CA SER A 58 3.43 -2.71 -1.70
C SER A 58 3.33 -3.86 -2.69
N THR A 59 3.74 -3.64 -3.94
CA THR A 59 3.74 -4.72 -4.91
C THR A 59 4.71 -5.82 -4.53
N ILE A 60 5.92 -5.44 -4.10
CA ILE A 60 6.91 -6.41 -3.68
C ILE A 60 6.42 -7.20 -2.47
N LYS A 61 5.82 -6.50 -1.49
CA LYS A 61 5.30 -7.17 -0.31
C LYS A 61 4.21 -8.17 -0.66
N ARG A 62 3.27 -7.76 -1.53
CA ARG A 62 2.21 -8.70 -1.93
C ARG A 62 2.77 -9.90 -2.68
N LYS A 63 3.74 -9.67 -3.57
CA LYS A 63 4.35 -10.78 -4.29
C LYS A 63 5.02 -11.77 -3.34
N LEU A 64 5.75 -11.25 -2.34
CA LEU A 64 6.40 -12.12 -1.36
C LEU A 64 5.37 -12.83 -0.49
N ASP A 65 4.28 -12.14 -0.14
CA ASP A 65 3.24 -12.74 0.71
C ASP A 65 2.49 -13.86 0.00
N THR A 66 2.30 -13.74 -1.32
CA THR A 66 1.43 -14.65 -2.06
C THR A 66 2.20 -15.60 -2.96
N GLY A 67 3.51 -15.73 -2.78
CA GLY A 67 4.28 -16.74 -3.48
C GLY A 67 4.57 -16.48 -4.94
N GLN A 68 4.63 -15.22 -5.36
CA GLN A 68 4.84 -14.93 -6.77
C GLN A 68 6.31 -14.95 -7.19
N TYR A 69 7.24 -15.08 -6.25
CA TYR A 69 8.66 -15.21 -6.57
C TYR A 69 9.07 -16.68 -6.53
N GLN A 70 9.77 -17.12 -7.58
CA GLN A 70 10.27 -18.48 -7.61
C GLN A 70 11.67 -18.62 -7.02
N GLU A 71 12.45 -17.54 -7.01
CA GLU A 71 13.81 -17.60 -6.53
C GLU A 71 14.23 -16.22 -6.05
N PRO A 72 15.19 -16.12 -5.14
CA PRO A 72 15.39 -14.85 -4.42
C PRO A 72 15.88 -13.72 -5.30
N TRP A 73 16.59 -14.00 -6.40
CA TRP A 73 17.08 -12.90 -7.23
C TRP A 73 15.94 -12.18 -7.95
N GLN A 74 14.77 -12.80 -8.08
CA GLN A 74 13.63 -12.08 -8.63
C GLN A 74 13.16 -10.98 -7.70
N TYR A 75 13.20 -11.24 -6.38
CA TYR A 75 12.87 -10.23 -5.38
C TYR A 75 13.90 -9.10 -5.41
N VAL A 76 15.18 -9.45 -5.44
CA VAL A 76 16.24 -8.45 -5.47
C VAL A 76 16.10 -7.56 -6.71
N ASP A 77 15.81 -8.18 -7.87
CA ASP A 77 15.57 -7.45 -9.12
C ASP A 77 14.45 -6.41 -8.96
N ASP A 78 13.35 -6.78 -8.31
CA ASP A 78 12.24 -5.83 -8.15
C ASP A 78 12.63 -4.67 -7.25
N VAL A 79 13.35 -4.93 -6.16
CA VAL A 79 13.78 -3.85 -5.28
C VAL A 79 14.67 -2.88 -6.05
N TRP A 80 15.64 -3.41 -6.80
CA TRP A 80 16.53 -2.51 -7.52
C TRP A 80 15.80 -1.77 -8.63
N LEU A 81 14.79 -2.41 -9.25
CA LEU A 81 13.98 -1.73 -10.25
C LEU A 81 13.29 -0.51 -9.65
N MET A 82 12.73 -0.67 -8.45
CA MET A 82 12.13 0.45 -7.75
C MET A 82 13.13 1.59 -7.52
N PHE A 83 14.35 1.25 -7.05
CA PHE A 83 15.36 2.28 -6.83
C PHE A 83 15.74 2.95 -8.15
N ASN A 84 16.01 2.15 -9.19
CA ASN A 84 16.47 2.71 -10.45
C ASN A 84 15.43 3.62 -11.08
N ASN A 85 14.15 3.25 -10.97
CA ASN A 85 13.09 4.12 -11.46
C ASN A 85 13.13 5.47 -10.77
N ALA A 86 13.31 5.48 -9.46
CA ALA A 86 13.29 6.74 -8.74
C ALA A 86 14.51 7.59 -9.06
N TRP A 87 15.67 6.95 -9.22
CA TRP A 87 16.86 7.71 -9.61
C TRP A 87 16.75 8.23 -11.04
N LEU A 88 16.04 7.50 -11.90
CA LEU A 88 15.87 7.96 -13.27
C LEU A 88 14.91 9.15 -13.35
N TYR A 89 13.79 9.07 -12.63
CA TYR A 89 12.75 10.08 -12.79
C TYR A 89 13.06 11.35 -12.04
N ASN A 90 13.58 11.23 -10.81
CA ASN A 90 13.78 12.38 -9.94
C ASN A 90 15.16 13.00 -10.13
N ARG A 91 15.23 14.31 -9.94
CA ARG A 91 16.49 15.03 -10.06
C ARG A 91 17.43 14.67 -8.91
N LYS A 92 18.74 14.69 -9.19
CA LYS A 92 19.73 14.33 -8.19
C LYS A 92 19.65 15.18 -6.93
N THR A 93 19.19 16.44 -7.04
CA THR A 93 19.07 17.33 -5.89
C THR A 93 17.72 17.23 -5.20
N SER A 94 16.84 16.34 -5.65
CA SER A 94 15.47 16.31 -5.14
C SER A 94 15.36 15.44 -3.89
N ARG A 95 14.32 15.75 -3.11
CA ARG A 95 14.03 15.02 -1.87
C ARG A 95 13.85 13.53 -2.15
N VAL A 96 13.06 13.18 -3.16
CA VAL A 96 12.76 11.77 -3.40
C VAL A 96 14.02 11.01 -3.86
N TYR A 97 14.88 11.65 -4.66
CA TYR A 97 16.14 11.00 -5.04
C TYR A 97 16.99 10.70 -3.81
N LYS A 98 17.12 11.66 -2.90
CA LYS A 98 17.91 11.45 -1.69
C LYS A 98 17.30 10.38 -0.80
N PHE A 99 15.97 10.37 -0.68
CA PHE A 99 15.29 9.31 0.07
C PHE A 99 15.60 7.93 -0.52
N CYS A 100 15.54 7.81 -1.86
CA CYS A 100 15.89 6.56 -2.53
C CYS A 100 17.30 6.12 -2.19
N SER A 101 18.25 7.06 -2.24
CA SER A 101 19.63 6.67 -1.95
C SER A 101 19.76 6.12 -0.53
N LYS A 102 19.04 6.72 0.42
CA LYS A 102 19.06 6.18 1.79
C LYS A 102 18.52 4.74 1.84
N LEU A 103 17.39 4.49 1.16
CA LEU A 103 16.85 3.13 1.14
C LEU A 103 17.83 2.15 0.53
N ALA A 104 18.49 2.55 -0.56
CA ALA A 104 19.42 1.65 -1.23
C ALA A 104 20.61 1.32 -0.34
N GLU A 105 21.08 2.28 0.47
CA GLU A 105 22.15 2.02 1.42
C GLU A 105 21.72 0.98 2.45
N VAL A 106 20.50 1.13 2.98
CA VAL A 106 19.96 0.17 3.93
C VAL A 106 19.84 -1.21 3.29
N PHE A 107 19.28 -1.26 2.08
CA PHE A 107 19.08 -2.55 1.43
C PHE A 107 20.40 -3.28 1.20
N GLU A 108 21.44 -2.54 0.76
CA GLU A 108 22.72 -3.19 0.51
C GLU A 108 23.27 -3.82 1.79
N GLN A 109 23.10 -3.16 2.93
CA GLN A 109 23.56 -3.74 4.20
C GLN A 109 22.79 -5.00 4.57
N GLU A 110 21.48 -5.03 4.30
CA GLU A 110 20.63 -6.10 4.78
C GLU A 110 20.62 -7.31 3.85
N ILE A 111 20.67 -7.10 2.54
CA ILE A 111 20.43 -8.20 1.60
C ILE A 111 21.62 -9.15 1.53
N ASP A 112 22.84 -8.64 1.79
CA ASP A 112 24.03 -9.46 1.54
C ASP A 112 24.08 -10.74 2.36
N PRO A 113 23.96 -10.73 3.70
CA PRO A 113 24.01 -12.00 4.44
C PRO A 113 22.78 -12.86 4.22
N VAL A 114 21.62 -12.27 3.91
CA VAL A 114 20.43 -13.07 3.66
C VAL A 114 20.62 -13.92 2.41
N MET A 115 21.13 -13.32 1.33
CA MET A 115 21.36 -14.10 0.13
C MET A 115 22.44 -15.17 0.34
N GLN A 116 23.41 -14.91 1.21
CA GLN A 116 24.43 -15.92 1.50
C GLN A 116 23.81 -17.14 2.18
N SER A 117 22.88 -16.91 3.12
CA SER A 117 22.21 -18.02 3.79
C SER A 117 21.28 -18.78 2.85
N LEU A 118 20.85 -18.18 1.75
CA LEU A 118 19.98 -18.86 0.78
C LEU A 118 20.80 -19.56 -0.31
N GLY A 119 22.04 -19.14 -0.47
CA GLY A 119 22.91 -19.72 -1.48
N MET B 2 -1.03 -23.04 -9.30
CA MET B 2 -0.20 -22.54 -8.20
C MET B 2 -0.94 -22.57 -6.86
N ARG B 3 -0.19 -22.86 -5.79
CA ARG B 3 -0.77 -23.01 -4.46
C ARG B 3 -0.95 -21.64 -3.81
N LYS B 4 -2.15 -21.37 -3.30
CA LYS B 4 -2.42 -20.16 -2.54
C LYS B 4 -3.02 -20.55 -1.20
N LYS B 5 -2.88 -19.65 -0.23
CA LYS B 5 -3.51 -19.86 1.06
C LYS B 5 -5.02 -19.67 0.95
N ILE B 6 -5.77 -20.57 1.57
CA ILE B 6 -7.21 -20.44 1.68
C ILE B 6 -7.51 -19.62 2.93
N PHE B 7 -8.53 -18.78 2.86
CA PHE B 7 -8.90 -17.90 3.97
C PHE B 7 -10.38 -18.07 4.27
N LYS B 8 -10.69 -18.46 5.49
CA LYS B 8 -12.08 -18.55 5.91
C LYS B 8 -12.62 -17.15 6.24
N PRO B 9 -13.89 -16.88 5.90
CA PRO B 9 -14.41 -15.51 6.11
C PRO B 9 -14.41 -15.08 7.58
N GLU B 10 -14.72 -15.98 8.50
CA GLU B 10 -14.71 -15.61 9.92
C GLU B 10 -13.30 -15.28 10.38
N GLU B 11 -12.30 -16.01 9.87
CA GLU B 11 -10.91 -15.70 10.20
C GLU B 11 -10.50 -14.34 9.64
N LEU B 12 -10.93 -14.02 8.40
CA LEU B 12 -10.62 -12.71 7.84
C LEU B 12 -11.28 -11.60 8.64
N ARG B 13 -12.53 -11.80 9.04
CA ARG B 13 -13.23 -10.79 9.83
C ARG B 13 -12.54 -10.59 11.18
N GLN B 14 -12.19 -11.69 11.85
CA GLN B 14 -11.55 -11.57 13.15
C GLN B 14 -10.22 -10.84 13.07
N ALA B 15 -9.46 -11.08 11.99
CA ALA B 15 -8.16 -10.46 11.85
C ALA B 15 -8.26 -9.00 11.38
N LEU B 16 -9.18 -8.71 10.47
CA LEU B 16 -9.19 -7.42 9.80
C LEU B 16 -10.14 -6.41 10.41
N MET B 17 -11.24 -6.84 11.04
CA MET B 17 -12.18 -5.88 11.61
C MET B 17 -11.53 -4.92 12.61
N PRO B 18 -10.58 -5.33 13.47
CA PRO B 18 -9.91 -4.34 14.32
C PRO B 18 -9.19 -3.23 13.56
N THR B 19 -8.67 -3.50 12.36
CA THR B 19 -8.03 -2.42 11.61
C THR B 19 -9.07 -1.44 11.10
N LEU B 20 -10.26 -1.93 10.77
CA LEU B 20 -11.34 -1.05 10.34
C LEU B 20 -11.90 -0.26 11.51
N GLU B 21 -12.04 -0.91 12.66
CA GLU B 21 -12.50 -0.22 13.86
C GLU B 21 -11.55 0.92 14.22
N ALA B 22 -10.24 0.73 13.99
CA ALA B 22 -9.29 1.81 14.26
C ALA B 22 -9.56 3.03 13.39
N LEU B 23 -10.07 2.85 12.17
CA LEU B 23 -10.41 4.00 11.35
C LEU B 23 -11.66 4.69 11.87
N TYR B 24 -12.69 3.90 12.21
CA TYR B 24 -13.92 4.47 12.79
C TYR B 24 -13.65 5.24 14.07
N ARG B 25 -12.65 4.83 14.86
CA ARG B 25 -12.37 5.48 16.13
C ARG B 25 -11.83 6.90 15.95
N GLN B 26 -11.25 7.22 14.80
CA GLN B 26 -10.74 8.58 14.58
C GLN B 26 -11.90 9.54 14.44
N ASP B 27 -11.99 10.48 15.38
CA ASP B 27 -13.04 11.49 15.40
C ASP B 27 -12.34 12.83 15.48
N PRO B 28 -12.56 13.76 14.53
CA PRO B 28 -13.57 13.74 13.46
C PRO B 28 -13.15 13.12 12.15
N GLU B 29 -11.93 12.58 12.07
CA GLU B 29 -11.35 12.30 10.76
C GLU B 29 -12.13 11.24 9.97
N SER B 30 -12.82 10.32 10.64
CA SER B 30 -13.57 9.30 9.92
C SER B 30 -14.94 9.77 9.46
N LEU B 31 -15.41 10.93 9.93
CA LEU B 31 -16.78 11.34 9.61
C LEU B 31 -17.06 11.47 8.11
N PRO B 32 -16.14 11.94 7.25
CA PRO B 32 -16.46 12.01 5.82
C PRO B 32 -16.60 10.67 5.15
N PHE B 33 -16.24 9.58 5.83
CA PHE B 33 -16.04 8.28 5.21
C PHE B 33 -16.98 7.21 5.72
N ARG B 34 -17.89 7.55 6.65
CA ARG B 34 -18.69 6.55 7.33
C ARG B 34 -19.88 6.06 6.51
N GLN B 35 -20.30 6.80 5.49
CA GLN B 35 -21.38 6.39 4.60
C GLN B 35 -20.98 6.77 3.18
N PRO B 36 -21.66 6.22 2.17
CA PRO B 36 -21.33 6.58 0.79
C PRO B 36 -21.57 8.06 0.53
N VAL B 37 -20.71 8.63 -0.31
CA VAL B 37 -20.87 10.02 -0.72
C VAL B 37 -22.17 10.17 -1.50
N ASP B 38 -23.02 11.11 -1.06
CA ASP B 38 -24.22 11.51 -1.78
C ASP B 38 -23.99 12.91 -2.33
N PRO B 39 -23.65 13.05 -3.63
CA PRO B 39 -23.26 14.38 -4.14
C PRO B 39 -24.33 15.44 -3.99
N GLN B 40 -25.60 15.07 -4.13
CA GLN B 40 -26.66 16.06 -3.98
C GLN B 40 -26.75 16.57 -2.55
N LEU B 41 -26.69 15.67 -1.57
CA LEU B 41 -26.83 16.09 -0.18
C LEU B 41 -25.62 16.87 0.30
N LEU B 42 -24.44 16.62 -0.27
CA LEU B 42 -23.21 17.26 0.17
C LEU B 42 -22.86 18.50 -0.64
N GLY B 43 -23.64 18.81 -1.68
CA GLY B 43 -23.36 20.00 -2.45
C GLY B 43 -22.11 19.91 -3.31
N ILE B 44 -21.80 18.71 -3.80
CA ILE B 44 -20.62 18.48 -4.64
C ILE B 44 -21.12 17.73 -5.88
N PRO B 45 -21.96 18.37 -6.72
CA PRO B 45 -22.64 17.63 -7.80
C PRO B 45 -21.72 17.07 -8.88
N ASP B 46 -20.46 17.48 -8.95
CA ASP B 46 -19.53 16.93 -9.94
C ASP B 46 -18.79 15.69 -9.44
N TYR B 47 -19.13 15.17 -8.26
CA TYR B 47 -18.33 14.10 -7.65
C TYR B 47 -18.17 12.89 -8.58
N PHE B 48 -19.27 12.38 -9.13
CA PHE B 48 -19.16 11.17 -9.95
C PHE B 48 -18.53 11.43 -11.31
N ASP B 49 -18.38 12.69 -11.73
CA ASP B 49 -17.57 12.98 -12.91
C ASP B 49 -16.08 12.74 -12.65
N ILE B 50 -15.66 12.76 -11.38
CA ILE B 50 -14.27 12.57 -11.00
C ILE B 50 -14.05 11.19 -10.39
N VAL B 51 -14.95 10.74 -9.53
CA VAL B 51 -14.80 9.48 -8.81
C VAL B 51 -15.69 8.44 -9.47
N LYS B 52 -15.06 7.49 -10.17
CA LYS B 52 -15.76 6.51 -10.98
C LYS B 52 -16.09 5.22 -10.22
N ASN B 53 -15.34 4.91 -9.16
CA ASN B 53 -15.53 3.66 -8.39
C ASN B 53 -15.60 4.04 -6.91
N PRO B 54 -16.78 4.45 -6.44
CA PRO B 54 -16.89 4.93 -5.04
C PRO B 54 -16.65 3.82 -4.04
N MET B 55 -16.21 4.21 -2.84
CA MET B 55 -15.99 3.27 -1.75
C MET B 55 -16.03 4.03 -0.43
N ASP B 56 -16.52 3.37 0.62
CA ASP B 56 -16.61 4.01 1.94
C ASP B 56 -16.55 2.95 3.02
N LEU B 57 -16.48 3.41 4.28
CA LEU B 57 -16.33 2.48 5.40
C LEU B 57 -17.52 1.56 5.58
N SER B 58 -18.75 2.08 5.40
CA SER B 58 -19.91 1.21 5.61
C SER B 58 -19.92 0.05 4.64
N THR B 59 -19.49 0.29 3.40
CA THR B 59 -19.45 -0.77 2.38
C THR B 59 -18.38 -1.81 2.72
N ILE B 60 -17.20 -1.35 3.15
CA ILE B 60 -16.14 -2.26 3.53
C ILE B 60 -16.55 -3.10 4.74
N LYS B 61 -17.20 -2.45 5.72
CA LYS B 61 -17.65 -3.18 6.91
C LYS B 61 -18.64 -4.26 6.55
N ARG B 62 -19.56 -3.96 5.63
CA ARG B 62 -20.57 -4.96 5.25
C ARG B 62 -19.93 -6.11 4.49
N LYS B 63 -18.95 -5.82 3.61
CA LYS B 63 -18.25 -6.88 2.89
C LYS B 63 -17.49 -7.79 3.84
N LEU B 64 -16.90 -7.21 4.89
CA LEU B 64 -16.24 -8.02 5.92
C LEU B 64 -17.25 -8.83 6.72
N ASP B 65 -18.37 -8.21 7.08
CA ASP B 65 -19.37 -8.87 7.92
C ASP B 65 -20.10 -9.99 7.17
N THR B 66 -20.04 -9.99 5.84
CA THR B 66 -20.77 -10.97 5.04
C THR B 66 -19.83 -11.84 4.18
N GLY B 67 -18.56 -11.94 4.58
CA GLY B 67 -17.60 -12.81 3.92
C GLY B 67 -17.47 -12.62 2.41
N GLN B 68 -17.33 -11.38 1.96
CA GLN B 68 -17.21 -11.13 0.53
C GLN B 68 -15.77 -10.92 0.07
N TYR B 69 -14.79 -11.00 0.97
CA TYR B 69 -13.38 -11.01 0.61
C TYR B 69 -12.85 -12.42 0.67
N GLN B 70 -12.15 -12.86 -0.37
CA GLN B 70 -11.55 -14.18 -0.38
C GLN B 70 -10.17 -14.20 0.25
N GLU B 71 -9.46 -13.07 0.24
CA GLU B 71 -8.10 -13.01 0.77
C GLU B 71 -7.82 -11.56 1.16
N PRO B 72 -6.88 -11.33 2.10
CA PRO B 72 -6.82 -10.02 2.76
C PRO B 72 -6.38 -8.88 1.85
N TRP B 73 -5.65 -9.12 0.77
CA TRP B 73 -5.24 -8.01 -0.08
C TRP B 73 -6.43 -7.39 -0.81
N GLN B 74 -7.56 -8.10 -0.90
CA GLN B 74 -8.76 -7.49 -1.44
C GLN B 74 -9.33 -6.43 -0.48
N TYR B 75 -9.26 -6.71 0.81
CA TYR B 75 -9.66 -5.71 1.81
C TYR B 75 -8.75 -4.49 1.73
N VAL B 76 -7.43 -4.70 1.66
CA VAL B 76 -6.50 -3.60 1.55
C VAL B 76 -6.82 -2.76 0.32
N ASP B 77 -7.12 -3.42 -0.80
CA ASP B 77 -7.51 -2.75 -2.05
C ASP B 77 -8.69 -1.80 -1.86
N ASP B 78 -9.76 -2.26 -1.19
CA ASP B 78 -10.95 -1.42 -0.98
C ASP B 78 -10.63 -0.23 -0.08
N VAL B 79 -9.85 -0.44 1.00
CA VAL B 79 -9.52 0.69 1.88
C VAL B 79 -8.70 1.73 1.12
N TRP B 80 -7.69 1.27 0.36
CA TRP B 80 -6.89 2.24 -0.40
C TRP B 80 -7.69 2.90 -1.51
N LEU B 81 -8.67 2.21 -2.08
CA LEU B 81 -9.56 2.84 -3.06
C LEU B 81 -10.32 4.01 -2.41
N MET B 82 -10.84 3.80 -1.21
CA MET B 82 -11.53 4.88 -0.49
C MET B 82 -10.60 6.07 -0.28
N PHE B 83 -9.36 5.82 0.17
CA PHE B 83 -8.41 6.92 0.36
C PHE B 83 -8.09 7.62 -0.95
N ASN B 84 -7.81 6.82 -2.00
CA ASN B 84 -7.39 7.41 -3.27
C ASN B 84 -8.49 8.29 -3.85
N ASN B 85 -9.75 7.86 -3.74
CA ASN B 85 -10.87 8.68 -4.20
C ASN B 85 -10.89 10.04 -3.52
N ALA B 86 -10.69 10.05 -2.19
CA ALA B 86 -10.77 11.30 -1.45
C ALA B 86 -9.59 12.22 -1.77
N TRP B 87 -8.41 11.64 -1.96
CA TRP B 87 -7.27 12.47 -2.37
C TRP B 87 -7.43 12.99 -3.80
N LEU B 88 -8.12 12.25 -4.67
CA LEU B 88 -8.35 12.72 -6.04
C LEU B 88 -9.35 13.85 -6.08
N TYR B 89 -10.47 13.69 -5.36
CA TYR B 89 -11.56 14.65 -5.48
C TYR B 89 -11.30 15.93 -4.70
N ASN B 90 -10.77 15.80 -3.49
CA ASN B 90 -10.64 16.93 -2.59
C ASN B 90 -9.30 17.63 -2.79
N ARG B 91 -9.29 18.94 -2.54
CA ARG B 91 -8.08 19.69 -2.77
C ARG B 91 -7.09 19.46 -1.63
N LYS B 92 -5.80 19.63 -1.94
CA LYS B 92 -4.74 19.32 -0.98
C LYS B 92 -4.85 20.13 0.31
N THR B 93 -5.34 21.36 0.24
CA THR B 93 -5.50 22.20 1.42
C THR B 93 -6.83 22.00 2.14
N SER B 94 -7.66 21.06 1.69
CA SER B 94 -9.00 20.91 2.26
C SER B 94 -9.00 20.02 3.50
N ARG B 95 -10.02 20.26 4.33
CA ARG B 95 -10.25 19.45 5.52
C ARG B 95 -10.39 17.96 5.21
N VAL B 96 -11.19 17.59 4.21
CA VAL B 96 -11.42 16.17 3.96
C VAL B 96 -10.14 15.49 3.48
N TYR B 97 -9.33 16.20 2.67
CA TYR B 97 -8.06 15.63 2.23
C TYR B 97 -7.14 15.36 3.43
N LYS B 98 -7.08 16.31 4.36
CA LYS B 98 -6.23 16.13 5.55
C LYS B 98 -6.76 15.02 6.45
N PHE B 99 -8.08 14.92 6.58
CA PHE B 99 -8.69 13.83 7.35
C PHE B 99 -8.34 12.47 6.75
N CYS B 100 -8.42 12.37 5.42
CA CYS B 100 -8.03 11.16 4.71
C CYS B 100 -6.58 10.78 5.02
N SER B 101 -5.68 11.76 4.95
CA SER B 101 -4.28 11.49 5.22
C SER B 101 -4.08 10.94 6.64
N LYS B 102 -4.82 11.48 7.62
CA LYS B 102 -4.75 10.94 8.97
C LYS B 102 -5.21 9.48 9.02
N LEU B 103 -6.34 9.17 8.37
CA LEU B 103 -6.82 7.78 8.35
C LEU B 103 -5.79 6.86 7.69
N ALA B 104 -5.14 7.35 6.63
CA ALA B 104 -4.18 6.51 5.93
C ALA B 104 -2.95 6.22 6.79
N GLU B 105 -2.52 7.20 7.62
CA GLU B 105 -1.43 6.95 8.56
C GLU B 105 -1.82 5.90 9.58
N VAL B 106 -3.02 6.02 10.16
CA VAL B 106 -3.51 5.04 11.12
C VAL B 106 -3.59 3.67 10.48
N PHE B 107 -4.12 3.60 9.25
CA PHE B 107 -4.30 2.30 8.61
C PHE B 107 -2.98 1.59 8.40
N GLU B 108 -1.96 2.31 7.89
CA GLU B 108 -0.69 1.66 7.63
C GLU B 108 -0.08 1.09 8.90
N GLN B 109 -0.21 1.80 10.02
CA GLN B 109 0.30 1.30 11.29
C GLN B 109 -0.45 0.04 11.71
N GLU B 110 -1.76 0.00 11.49
CA GLU B 110 -2.56 -1.13 11.95
C GLU B 110 -2.44 -2.35 11.04
N ILE B 111 -2.36 -2.13 9.73
CA ILE B 111 -2.50 -3.25 8.80
C ILE B 111 -1.20 -4.03 8.68
N ASP B 112 -0.05 -3.37 8.90
CA ASP B 112 1.25 -4.02 8.69
C ASP B 112 1.43 -5.28 9.53
N PRO B 113 1.27 -5.25 10.87
CA PRO B 113 1.43 -6.52 11.61
C PRO B 113 0.33 -7.54 11.32
N VAL B 114 -0.87 -7.09 10.98
CA VAL B 114 -1.95 -8.02 10.70
C VAL B 114 -1.68 -8.79 9.41
N MET B 115 -1.26 -8.08 8.36
CA MET B 115 -0.97 -8.75 7.09
C MET B 115 0.21 -9.70 7.24
N GLN B 116 1.21 -9.32 8.03
CA GLN B 116 2.35 -10.21 8.25
C GLN B 116 1.91 -11.50 8.95
N SER B 117 0.95 -11.40 9.87
CA SER B 117 0.50 -12.58 10.59
C SER B 117 -0.46 -13.44 9.79
N LEU B 118 -1.09 -12.89 8.74
CA LEU B 118 -2.12 -13.62 8.01
C LEU B 118 -1.55 -14.47 6.87
N GLY B 119 -0.55 -13.95 6.15
CA GLY B 119 0.00 -14.64 5.00
C GLY B 119 1.04 -15.70 5.34
CAA E3H C . 5.43 14.62 -6.53
CAB E3H C . -0.80 6.55 -1.34
CAC E3H C . 8.45 7.13 -6.33
CAD E3H C . 3.70 6.94 -3.76
CAH E3H C . 7.37 13.43 3.60
CAI E3H C . 8.31 14.23 3.11
CAJ E3H C . 6.85 12.70 2.60
CAK E3H C . 8.15 10.82 -7.22
CAL E3H C . 7.58 11.97 -6.69
CAM E3H C . 6.43 11.32 -2.39
CAN E3H C . 4.61 10.38 -1.13
CAO E3H C . 4.84 9.87 -3.45
CAP E3H C . 7.28 9.59 -5.34
CAQ E3H C . 6.58 14.25 -5.60
CAR E3H C . -0.35 7.98 -1.06
CAW E3H C . 8.64 8.46 -7.07
CAX E3H C . 7.25 12.57 0.21
CAY E3H C . 5.76 11.19 -1.17
CAZ E3H C . 8.01 9.60 -6.54
CBA E3H C . 5.98 10.66 -3.56
CBB E3H C . 4.12 9.71 -2.26
CBC E3H C . 2.79 7.73 -2.80
CBD E3H C . 6.85 11.93 -5.50
CBE E3H C . 7.46 13.04 1.46
CBF E3H C . 6.69 10.74 -4.80
CBG E3H C . 2.99 8.91 -2.19
CBH E3H C . 1.87 9.15 -1.46
NAS E3H C . 6.14 11.79 0.02
NBI E3H C . 0.99 8.17 -1.62
OAE E3H C . 9.40 8.51 -8.05
OAF E3H C . 8.05 12.88 -0.66
OAG E3H C . 1.64 10.14 -0.74
OAT E3H C . 6.26 13.04 -4.92
OAU E3H C . 8.37 13.97 1.73
OAV E3H C . 1.55 7.23 -2.49
CAA E3H D . -18.92 18.67 1.02
CAB E3H D . -24.52 10.48 7.40
CAC E3H D . -15.52 11.35 1.08
CAD E3H D . -20.19 10.75 4.04
CAH E3H D . -16.85 17.49 11.15
CAI E3H D . -15.99 18.37 10.63
CAJ E3H D . -17.33 16.72 10.16
CAK E3H D . -16.08 15.04 0.27
CAL E3H D . -16.72 16.14 0.85
CAM E3H D . -17.74 15.33 5.13
CAN E3H D . -19.50 14.31 6.42
CAO E3H D . -19.28 13.82 4.11
CAP E3H D . -16.85 13.70 2.15
CAQ E3H D . -17.79 18.35 1.99
CAR E3H D . -24.43 11.76 6.55
CAW E3H D . -15.46 12.69 0.36
CAX E3H D . -16.96 16.64 7.76
CAY E3H D . -18.38 15.18 6.37
CAZ E3H D . -16.15 13.80 0.93
CBA E3H D . -18.17 14.66 3.97
CBB E3H D . -19.99 13.60 5.31
CBC E3H D . -21.20 11.52 4.88
CBD E3H D . -17.42 16.04 2.06
CBE E3H D . -16.78 17.12 9.01
CBF E3H D . -17.50 14.81 2.73
CBG E3H D . -21.08 12.75 5.40
CBH E3H D . -22.25 12.95 6.07
NAS E3H D . -18.02 15.79 7.55
NBI E3H D . -23.08 11.90 5.97
OAE E3H D . -14.72 12.80 -0.62
OAF E3H D . -16.16 16.98 6.89
OAG E3H D . -22.55 13.97 6.71
OAT E3H D . -18.08 17.10 2.65
OAU E3H D . -15.94 18.13 9.30
OAV E3H D . -22.42 10.94 5.19
#